data_4AQW
#
_entry.id   4AQW
#
_cell.length_a   1.000
_cell.length_b   1.000
_cell.length_c   1.000
_cell.angle_alpha   90.00
_cell.angle_beta   90.00
_cell.angle_gamma   90.00
#
_symmetry.space_group_name_H-M   'P 1'
#
loop_
_entity.id
_entity.type
_entity.pdbx_description
1 polymer 'TUBULIN ALPHA-1D CHAIN'
2 polymer 'TUBULIN BETA-2B CHAIN'
3 polymer 'KINESIN-LIKE PROTEIN KIF11'
4 non-polymer "GUANOSINE-5'-TRIPHOSPHATE"
5 non-polymer 'MAGNESIUM ION'
6 non-polymer "GUANOSINE-5'-DIPHOSPHATE"
7 non-polymer TAXOL
#
loop_
_entity_poly.entity_id
_entity_poly.type
_entity_poly.pdbx_seq_one_letter_code
_entity_poly.pdbx_strand_id
1 'polypeptide(L)'
;MRECISIHVGQAGVQIGNACWELYCLEHGIQPDGQMPSDKTIGGGDDSFNTFFSETGAGKHVPRAVFVDLEPTVIDEVRT
GTYRQLFHPEQLITGKEDAANNYARGHYTIGKEIIDLVLDRIRKLADQCTGLQGFSVFHSFGGGTGSGFTSLLMERLSVD
YGKKSKLEFSIYPAPQVSTAVVEPYNSILTTHTTLEHSDCAFMVDNEAIYDICRRNLDIERPTYTNLNRLIGQIVSSITA
SLRFDGALNVDLTEFQTNLVPYPRGHFPLATYAPVISAEKAYHEQLSVAEITNACFEPANQMVKCDPRHGKYMACCLLYR
GDVVPKDVNAAIATIKTKRTIQFVDWCPTGFKVGINYEPPTVVPGGDLAKVQRAVCMLSNTTAIAEAWARLDHKFDLMYA
KRAFVHWYVGEGMEEGEFSEAREDMAALEKDYEEVGVDSVEGEGEEEEGEEY
;
A
2 'polypeptide(L)'
;MREIVHIQAGQCGNQIGAKFWEVISDEHGIDPTGSYHGDSDLQLERINVYYNEAAGNKYVPRAILVDLEPGTMDSVRSGP
FGQIFRPDNFVFGQSGAGNNWAKGHYTEGAELVDSVLDVVRKESESCDCLQGFQLTHSLGGGTGSGMGTLLISKIREEYP
DRIMNTFSVVPSPKVSDTVVEPYNATLSVHQLVENTDETYCIDNEALYDICFRTLKLTTPTYGDLNHLVSATMSGVTTCL
RFPGQLNADLRKLAVNMVPFPRLHFFMPGFAPLTSRGSQQYRALTVPELTQQMFDAKNMMAACDPRHGRYLTVAAVFRGR
MSMKEVDEQMLNVQNKNSSYFVEWIPNNVKTAVCDIPPRGLKMSATFIGNSTAIQELFKRISEQFTAMFRRKAFLHWYTG
EGMDEMEFTEAESNMNDLVSEYQQYQDATADEQGEFEEEEGEDEA
;
B
3 'polypeptide(L)'
;MASQPNSSAKKKEEKGKNIQVVVRVRPFNLAERKASAHSIVESDPVRKEVSVRTGGLADKSSRKTYTFDMVFGASTKQID
VYRSVVAPILDEVIMGYNATIFAYGQTGTGKTFTMEGERSPNEEYCWEEDPLAGIIPRTLHQIFEKLTDNGTEFSVKVSL
LEIYNEELFDLLNPSSDVSERLQMFDDPRNKRGVIIKGLEEITVHNKDEVYQILEKGAAKRTTAATLMNAYSSRSHSVFS
VTIHMKETTIDGEELVKIGKLNLVDLAGSENIGRSGAVDKRAREAGNINQSLLTLGRVITALVERTPHVPYRESKLTRIL
QDSLGGRTRTSIIATISPASLNLEETLSTLEYAHRAKNILNKPEVNQHHHHHH
;
C
#
# COMPACT_ATOMS: atom_id res chain seq x y z
CA ARG A 2 -29.87 15.15 25.82
CA GLU A 3 -26.38 15.80 24.46
CA CYS A 4 -24.45 14.32 21.54
CA ILE A 5 -20.67 13.96 21.68
CA SER A 6 -18.68 14.26 18.46
CA ILE A 7 -15.51 12.60 17.27
CA HIS A 8 -13.83 14.34 14.36
CA VAL A 9 -11.55 11.74 12.79
CA GLY A 10 -9.00 12.23 10.02
CA GLN A 11 -7.36 15.48 8.95
CA ALA A 12 -10.44 16.29 6.92
CA GLY A 13 -12.95 15.35 9.62
CA VAL A 14 -10.83 17.69 11.70
CA GLN A 15 -10.77 20.58 9.18
CA ILE A 16 -14.51 20.23 8.75
CA GLY A 17 -14.54 19.90 12.52
CA ASN A 18 -12.74 23.16 13.13
CA ALA A 19 -15.31 24.66 10.74
CA CYS A 20 -18.51 23.20 12.16
CA TRP A 21 -16.99 23.99 15.50
CA GLU A 22 -16.48 27.56 14.42
CA LEU A 23 -19.98 28.24 13.17
CA TYR A 24 -21.05 27.06 16.61
CA CYS A 25 -19.70 29.60 19.07
CA LEU A 26 -20.38 32.13 16.32
CA GLU A 27 -24.13 31.67 16.80
CA HIS A 28 -23.93 31.13 20.56
CA GLY A 29 -22.02 34.26 21.55
CA ILE A 30 -19.05 32.34 22.94
CA GLN A 31 -15.88 33.99 21.57
CA PRO A 32 -12.36 32.37 21.39
CA ASP A 33 -12.12 31.85 25.11
CA GLY A 34 -15.52 31.35 26.76
CA HIS A 61 -17.02 27.53 27.79
CA VAL A 62 -15.82 24.01 26.93
CA PRO A 63 -16.51 21.98 23.75
CA ARG A 64 -17.98 18.51 23.88
CA ALA A 65 -15.99 16.49 21.38
CA VAL A 66 -12.62 15.07 20.45
CA PHE A 67 -10.05 15.14 17.66
CA VAL A 68 -8.23 12.09 16.26
CA ASP A 69 -5.42 11.85 13.69
CA LEU A 70 -2.25 9.85 13.08
CA GLU A 71 -0.53 12.88 11.55
CA PRO A 72 0.30 15.43 14.23
CA THR A 73 0.73 18.50 12.03
CA VAL A 74 -3.03 18.65 11.31
CA ILE A 75 -4.52 18.46 14.84
CA ASP A 76 -1.67 20.82 15.57
CA GLU A 77 -3.53 23.31 13.35
CA VAL A 78 -6.21 23.26 15.99
CA ARG A 79 -3.41 23.64 18.51
CA THR A 80 -1.76 26.55 16.66
CA GLY A 81 -4.50 28.31 14.72
CA THR A 82 -7.86 29.80 15.65
CA TYR A 83 -10.03 28.22 18.37
CA ARG A 84 -6.75 27.32 20.00
CA GLN A 85 -7.68 27.57 23.70
CA LEU A 86 -11.31 26.55 23.32
CA PHE A 87 -10.16 22.93 23.59
CA HIS A 88 -8.54 20.72 26.18
CA PRO A 89 -5.27 19.15 25.10
CA GLU A 90 -7.12 16.09 26.35
CA GLN A 91 -9.79 16.05 23.59
CA LEU A 92 -7.04 16.38 21.00
CA ILE A 93 -5.60 12.92 20.26
CA THR A 94 -2.60 12.49 17.98
CA GLY A 95 -0.26 9.69 16.96
CA LYS A 96 3.00 11.43 15.96
CA GLU A 97 3.57 8.29 13.94
CA ASP A 98 2.27 7.92 10.42
CA ALA A 99 -1.09 8.57 8.78
CA ALA A 100 -0.87 6.41 5.64
CA ASN A 101 -3.54 6.78 3.05
CA ASN A 102 -4.46 3.20 3.59
CA TYR A 103 -7.33 1.72 5.56
CA ALA A 104 -5.50 -1.36 6.89
CA ARG A 105 -2.66 0.54 8.52
CA GLY A 106 -5.02 3.06 10.01
CA HIS A 107 -7.54 0.50 11.20
CA TYR A 108 -5.35 -2.46 12.15
CA THR A 109 -1.58 -1.95 12.54
CA ILE A 110 -1.08 1.68 13.54
CA GLY A 111 -4.52 3.12 14.21
CA LYS A 112 -4.93 0.37 16.82
CA GLU A 113 -2.36 1.73 19.26
CA ILE A 114 -4.32 4.97 19.69
CA ILE A 115 -7.89 3.68 19.83
CA ASP A 116 -7.82 2.76 23.54
CA LEU A 117 -6.72 6.26 24.42
CA VAL A 118 -9.23 7.62 21.91
CA LEU A 119 -12.08 5.67 23.45
CA ASP A 120 -11.00 6.74 26.92
CA ARG A 121 -12.02 10.29 26.07
CA ILE A 122 -15.35 9.29 24.56
CA ARG A 123 -15.87 7.41 27.81
CA LYS A 124 -14.43 10.18 29.98
CA LEU A 125 -16.39 12.84 28.08
CA ALA A 126 -19.40 10.52 27.89
CA ASP A 127 -19.50 10.17 31.65
CA GLN A 128 -19.15 13.80 32.72
CA CYS A 129 -22.43 14.68 30.95
CA THR A 130 -26.10 14.04 31.86
CA GLY A 131 -28.06 11.38 29.96
CA LEU A 132 -26.57 11.80 26.47
CA GLN A 133 -28.05 10.73 23.14
CA GLY A 134 -25.06 9.79 21.01
CA PHE A 135 -21.87 10.73 19.17
CA SER A 136 -21.85 12.80 16.01
CA VAL A 137 -18.81 11.29 14.27
CA PHE A 138 -16.93 13.29 11.59
CA HIS A 139 -14.79 11.34 9.11
CA SER A 140 -13.67 11.40 5.48
CA PHE A 141 -14.49 8.01 4.02
CA GLY A 142 -11.51 7.76 1.68
CA GLY A 143 -8.56 8.43 3.94
CA GLY A 144 -6.23 6.50 6.18
CA THR A 145 -7.01 7.89 9.62
CA GLY A 146 -10.53 8.67 8.49
CA SER A 147 -11.61 5.40 6.93
CA GLY A 148 -9.66 2.81 8.87
CA PHE A 149 -9.40 4.17 12.40
CA THR A 150 -13.02 5.25 12.78
CA SER A 151 -13.99 1.93 11.35
CA LEU A 152 -12.88 0.47 14.66
CA LEU A 153 -13.78 3.55 16.70
CA MET A 154 -17.43 3.36 15.70
CA GLU A 155 -16.79 -0.35 15.96
CA ARG A 156 -15.79 -0.18 19.62
CA LEU A 157 -18.73 2.22 20.26
CA SER A 158 -21.55 0.07 18.93
CA VAL A 159 -20.55 -2.36 21.66
CA ASP A 160 -19.77 0.00 24.51
CA TYR A 161 -22.95 2.02 24.01
CA GLY A 162 -25.19 0.00 21.73
CA LYS A 163 -27.91 1.84 23.61
CA LYS A 164 -27.48 5.19 21.83
CA SER A 165 -27.32 7.02 18.52
CA LYS A 166 -24.43 6.66 16.12
CA LEU A 167 -24.90 9.24 13.42
CA GLU A 168 -21.72 9.50 11.42
CA PHE A 169 -21.32 12.52 9.23
CA SER A 170 -19.20 11.47 6.23
CA ILE A 171 -17.60 13.19 3.22
CA TYR A 172 -17.67 10.34 0.76
CA PRO A 173 -15.41 10.18 -2.42
CA ALA A 174 -15.84 12.81 -5.14
CA PRO A 175 -17.50 11.04 -8.11
CA GLN A 176 -14.66 11.92 -10.53
CA VAL A 177 -12.49 14.31 -8.59
CA SER A 178 -11.07 11.94 -6.01
CA THR A 179 -7.67 12.58 -4.50
CA ALA A 180 -5.95 9.50 -3.08
CA VAL A 181 -5.10 6.94 -5.71
CA VAL A 182 -6.61 4.20 -3.62
CA GLU A 183 -9.65 6.09 -2.21
CA PRO A 184 -12.11 3.25 -3.03
CA TYR A 185 -10.04 0.69 -1.17
CA ASN A 186 -10.36 2.99 1.82
CA SER A 187 -14.07 3.67 1.31
CA ILE A 188 -15.39 0.25 0.50
CA LEU A 189 -13.65 -0.67 3.74
CA THR A 190 -14.97 2.07 5.97
CA THR A 191 -18.48 1.35 4.74
CA HIS A 192 -18.50 -2.40 5.44
CA THR A 193 -16.93 -2.08 8.85
CA THR A 194 -19.08 0.84 9.98
CA LEU A 195 -22.31 -0.37 8.33
CA GLU A 196 -23.10 -2.77 11.12
CA HIS A 197 -22.39 -0.06 13.70
CA SER A 198 -23.86 3.30 12.69
CA ASP A 199 -27.37 4.58 13.28
CA CYS A 200 -27.64 7.11 10.48
CA ALA A 201 -24.77 8.12 8.24
CA PHE A 202 -25.05 11.62 6.79
CA MET A 203 -23.29 12.18 3.52
CA VAL A 204 -21.84 15.32 1.94
CA ASP A 205 -20.06 14.95 -1.40
CA ASN A 206 -16.95 17.09 -1.68
CA GLU A 207 -17.26 17.64 -5.47
CA ALA A 208 -21.02 18.10 -5.65
CA ILE A 209 -20.47 20.91 -3.12
CA TYR A 210 -18.07 22.65 -5.47
CA ASP A 211 -20.82 22.87 -8.03
CA ILE A 212 -22.80 24.74 -5.45
CA CYS A 213 -19.79 27.07 -5.07
CA ARG A 214 -19.60 27.56 -8.81
CA ARG A 215 -23.32 27.56 -9.71
CA ASN A 216 -24.99 28.81 -6.54
CA LEU A 217 -22.59 31.36 -5.16
CA ASP A 218 -20.15 31.89 -7.98
CA ILE A 219 -16.47 31.43 -7.09
CA GLU A 220 -13.78 29.38 -8.80
CA ARG A 221 -11.69 30.12 -5.71
CA PRO A 222 -13.25 27.69 -3.22
CA THR A 223 -10.75 26.88 -0.50
CA TYR A 224 -11.32 23.73 1.52
CA THR A 225 -12.00 26.28 4.23
CA ASN A 226 -15.24 26.97 2.37
CA LEU A 227 -16.72 23.55 1.79
CA ASN A 228 -16.13 23.29 5.49
CA ARG A 229 -18.12 26.48 6.15
CA LEU A 230 -20.88 24.88 4.19
CA ILE A 231 -21.13 21.51 5.84
CA GLY A 232 -20.26 23.69 8.80
CA GLN A 233 -23.71 25.10 8.07
CA ILE A 234 -25.80 22.08 7.14
CA VAL A 235 -24.41 20.46 10.29
CA SER A 236 -25.38 23.42 12.43
CA SER A 237 -28.91 22.72 11.32
CA ILE A 238 -28.67 19.15 12.50
CA THR A 239 -27.39 19.28 16.09
CA ALA A 240 -26.83 22.88 17.18
CA SER A 241 -30.26 24.42 16.48
CA LEU A 242 -32.28 21.23 16.68
CA ARG A 243 -31.06 20.27 20.14
CA PHE A 244 -32.15 23.89 20.62
CA ASP A 245 -35.81 24.61 21.55
CA GLY A 246 -38.29 25.40 18.81
CA ALA A 247 -41.84 25.10 17.48
CA LEU A 248 -41.30 21.52 16.29
CA ASN A 249 -38.22 20.02 18.00
CA VAL A 250 -36.50 16.96 16.57
CA ASP A 251 -34.27 14.81 18.79
CA LEU A 252 -31.29 12.88 17.39
CA THR A 253 -33.06 9.61 17.92
CA GLU A 254 -35.92 11.21 15.96
CA PHE A 255 -33.70 11.12 12.91
CA GLN A 256 -32.68 7.52 12.68
CA THR A 257 -36.31 6.68 13.52
CA ASN A 258 -37.98 8.94 10.98
CA LEU A 259 -34.96 8.55 8.66
CA VAL A 260 -33.86 4.93 8.38
CA PRO A 261 -36.28 2.34 7.06
CA TYR A 262 -33.75 -0.42 7.54
CA PRO A 263 -30.88 -1.44 9.86
CA ARG A 264 -28.23 -0.80 7.23
CA GLY A 265 -26.67 2.31 8.80
CA HIS A 266 -28.49 4.01 5.97
CA PHE A 267 -27.00 7.09 4.55
CA PRO A 268 -29.20 10.08 3.87
CA LEU A 269 -27.91 13.18 1.98
CA ALA A 270 -27.52 16.71 3.34
CA THR A 271 -29.01 19.67 1.50
CA TYR A 272 -29.34 23.33 2.35
CA ALA A 273 -31.72 25.88 0.88
CA PRO A 274 -30.69 29.55 1.01
CA VAL A 275 -27.28 28.96 -0.49
CA ILE A 276 -27.34 32.40 -2.03
CA SER A 277 -24.25 34.63 -2.41
CA ALA A 278 -23.72 37.50 0.05
CA GLU A 279 -22.59 39.90 -2.63
CA LYS A 280 -23.84 39.07 -6.06
CA ALA A 281 -27.55 38.56 -6.35
CA TYR A 282 -30.05 39.62 -3.75
CA HIS A 283 -33.52 38.33 -3.66
CA GLU A 284 -32.74 37.00 -0.13
CA GLN A 285 -36.42 37.45 0.93
CA LEU A 286 -37.33 34.13 -0.55
CA SER A 287 -40.39 32.98 1.43
CA VAL A 288 -40.60 29.35 2.47
CA ALA A 289 -42.58 28.40 -0.61
CA GLU A 290 -39.29 29.03 -2.45
CA ILE A 291 -36.48 27.75 -0.24
CA THR A 292 -38.21 24.37 0.04
CA ASN A 293 -38.53 23.90 -3.66
CA ALA A 294 -34.84 24.77 -3.87
CA CYS A 295 -33.98 21.65 -1.94
CA PHE A 296 -35.25 19.07 -4.40
CA GLU A 297 -33.63 20.53 -7.50
CA PRO A 298 -30.57 18.28 -7.76
CA ALA A 299 -28.17 21.21 -8.17
CA ASN A 300 -28.11 22.01 -4.51
CA GLN A 301 -27.55 18.93 -2.48
CA MET A 302 -23.97 18.51 -1.40
CA VAL A 303 -23.88 15.14 -3.17
CA LYS A 304 -23.30 13.99 -6.76
CA CYS A 305 -26.25 11.66 -6.44
CA ASP A 306 -28.61 13.68 -8.62
CA PRO A 307 -32.08 12.08 -8.15
CA ARG A 308 -31.37 10.26 -11.41
CA HIS A 309 -34.12 7.84 -10.35
CA GLY A 310 -33.59 7.41 -6.64
CA LYS A 311 -36.99 7.63 -5.02
CA TYR A 312 -36.89 9.48 -1.74
CA MET A 313 -38.09 7.29 1.12
CA ALA A 314 -37.95 9.77 3.97
CA CYS A 315 -36.91 13.39 4.30
CA CYS A 316 -36.34 15.40 7.46
CA LEU A 317 -37.03 18.98 6.55
CA LEU A 318 -35.29 20.96 9.23
CA TYR A 319 -36.32 24.59 8.99
CA ARG A 320 -34.95 27.42 11.08
CA GLY A 321 -35.87 31.08 11.35
CA ASP A 322 -39.24 32.74 10.72
CA VAL A 323 -41.49 29.97 9.42
CA VAL A 324 -45.27 29.52 9.76
CA PRO A 325 -46.19 25.85 10.21
CA LYS A 326 -48.96 26.26 7.64
CA ASP A 327 -46.45 27.70 5.20
CA VAL A 328 -44.68 24.38 5.59
CA ASN A 329 -47.75 22.20 5.94
CA ALA A 330 -48.55 23.53 2.46
CA ALA A 331 -45.21 24.09 0.79
CA ILE A 332 -44.68 20.41 1.46
CA ALA A 333 -48.22 19.55 0.38
CA THR A 334 -47.56 21.20 -2.97
CA ILE A 335 -44.46 19.01 -3.23
CA LYS A 336 -46.17 15.77 -2.20
CA THR A 337 -48.16 16.29 -5.38
CA LYS A 338 -45.44 17.14 -7.91
CA ARG A 339 -45.11 13.42 -8.63
CA THR A 340 -41.96 14.01 -10.69
CA ILE A 341 -40.51 13.86 -7.16
CA GLN A 342 -41.75 10.25 -6.82
CA PHE A 343 -41.49 8.94 -3.23
CA VAL A 344 -41.23 5.27 -2.44
CA ASP A 345 -44.35 3.10 -2.60
CA TRP A 346 -44.38 1.52 0.82
CA CYS A 347 -44.18 5.01 2.14
CA PRO A 348 -47.36 7.09 2.36
CA THR A 349 -45.89 10.13 4.00
CA GLY A 350 -42.17 10.53 4.57
CA PHE A 351 -41.75 14.15 5.61
CA LYS A 352 -40.44 14.94 9.07
CA VAL A 353 -41.00 18.67 9.49
CA GLY A 354 -38.50 20.09 11.96
CA ILE A 355 -39.04 23.73 12.88
CA ASN A 356 -36.56 25.77 14.86
CA TYR A 357 -36.76 29.44 15.83
CA GLU A 358 -33.40 31.23 15.64
CA PRO A 359 -32.60 31.93 11.95
CA PRO A 360 -29.27 30.68 10.51
CA THR A 361 -25.98 32.41 11.35
CA VAL A 362 -23.59 33.17 8.54
CA VAL A 363 -19.88 33.81 8.91
CA PRO A 364 -19.36 37.59 9.41
CA GLY A 365 -17.74 37.92 6.02
CA GLY A 366 -17.28 34.64 4.21
CA ASP A 367 -19.51 34.32 1.16
CA LEU A 368 -22.79 32.97 2.55
CA ALA A 369 -25.77 35.23 1.85
CA LYS A 370 -27.38 35.44 5.31
CA VAL A 371 -31.12 34.94 5.04
CA GLN A 372 -33.76 34.85 7.78
CA ARG A 373 -34.80 31.27 7.19
CA ALA A 374 -33.30 28.11 5.70
CA VAL A 375 -34.06 24.46 4.94
CA CYS A 376 -31.48 21.81 5.77
CA MET A 377 -33.29 18.83 4.36
CA LEU A 378 -31.62 15.48 4.52
CA SER A 379 -32.95 12.20 3.23
CA ASN A 380 -32.55 8.59 2.21
CA THR A 381 -32.87 8.33 -1.56
CA THR A 382 -32.79 5.18 -3.65
CA ALA A 383 -30.42 7.45 -5.52
CA ILE A 384 -27.28 6.40 -3.74
CA ALA A 385 -27.90 3.07 -5.50
CA GLU A 386 -25.77 5.00 -7.95
CA ALA A 387 -23.05 6.66 -5.86
CA TRP A 388 -22.31 3.32 -4.17
CA ALA A 389 -22.35 1.52 -7.48
CA ARG A 390 -19.93 3.94 -9.15
CA LEU A 391 -17.66 3.69 -6.12
CA ASP A 392 -17.79 -0.06 -5.90
CA HIS A 393 -16.94 -0.53 -9.56
CA LYS A 394 -13.86 1.66 -8.98
CA PHE A 395 -12.65 -0.76 -6.32
CA ASP A 396 -12.93 -3.84 -8.50
CA LEU A 397 -10.91 -2.38 -11.32
CA MET A 398 -7.95 -2.06 -8.97
CA TYR A 399 -8.55 -5.11 -6.84
CA ALA A 400 -8.91 -6.93 -10.12
CA LYS A 401 -5.14 -6.32 -10.35
CA ARG A 402 -4.39 -6.12 -6.66
CA ALA A 403 -3.03 -2.66 -7.35
CA PHE A 404 -1.97 -1.22 -4.00
CA VAL A 405 -2.89 -4.39 -2.18
CA HIS A 406 0.57 -5.16 -0.87
CA TRP A 407 0.20 -1.96 1.12
CA TYR A 408 -2.54 -3.33 3.28
CA VAL A 409 -1.59 -6.97 3.51
CA GLY A 410 1.73 -5.90 4.89
CA GLU A 411 -0.38 -4.05 7.41
CA GLY A 412 -2.39 -6.83 9.00
CA MET A 413 -5.21 -7.45 6.54
CA GLU A 414 -5.84 -10.24 4.09
CA GLU A 415 -7.40 -11.23 0.79
CA GLY A 416 -10.28 -11.82 3.13
CA GLU A 417 -11.09 -8.34 4.37
CA PHE A 418 -11.04 -6.99 0.83
CA SER A 419 -12.97 -9.69 -1.03
CA GLU A 420 -15.22 -10.12 1.96
CA ALA A 421 -15.97 -6.39 2.23
CA ARG A 422 -16.65 -6.24 -1.45
CA GLU A 423 -19.29 -8.95 -1.15
CA ASP A 424 -20.48 -6.78 1.75
CA MET A 425 -21.30 -3.71 -0.28
CA ALA A 426 -22.57 -5.95 -3.06
CA ALA A 427 -25.64 -6.55 -0.85
CA LEU A 428 -25.80 -2.80 -0.38
CA GLU A 429 -26.27 -2.38 -4.11
CA LYS A 430 -29.06 -4.96 -3.93
CA ASP A 431 -30.42 -3.51 -0.71
CA TYR A 432 -30.72 0.05 -1.98
CA GLU A 433 -32.26 -1.53 -5.07
CA GLU A 434 -34.85 -3.76 -3.42
CA VAL A 435 -36.11 -1.22 -0.87
CA GLY A 436 -37.12 0.70 -3.96
CA VAL A 437 -37.68 0.45 -7.73
CA ASP A 438 -40.22 -2.22 -6.74
CA SER A 439 -43.79 -2.19 -5.41
CA ARG B 2 10.58 12.70 11.26
CA GLU B 3 14.11 12.55 9.80
CA ILE B 4 16.51 11.42 7.04
CA VAL B 5 20.29 11.07 6.60
CA HIS B 6 21.81 12.09 3.26
CA ILE B 7 24.58 10.00 1.72
CA GLN B 8 27.24 11.48 -0.65
CA ALA B 9 28.65 8.34 -2.31
CA GLY B 10 31.57 8.81 -4.69
CA GLN B 11 32.79 12.10 -6.16
CA CYS B 12 29.74 12.96 -8.19
CA GLY B 13 27.31 12.06 -5.48
CA ASN B 14 29.68 14.14 -3.43
CA GLN B 15 30.09 17.12 -5.77
CA ILE B 16 26.29 17.22 -5.79
CA GLY B 17 26.23 16.99 -2.01
CA ALA B 18 27.86 20.40 -2.03
CA LYS B 19 25.07 21.68 -4.27
CA PHE B 20 22.25 19.88 -2.51
CA TRP B 21 23.44 21.34 0.75
CA GLU B 22 24.37 24.65 -0.82
CA VAL B 23 20.68 24.98 -1.64
CA ILE B 24 18.77 23.27 1.13
CA SER B 25 20.65 25.35 3.71
CA ASP B 26 19.52 28.66 2.19
CA GLU B 27 16.08 27.01 2.02
CA HIS B 28 16.58 26.74 5.76
CA GLY B 29 18.68 29.82 6.58
CA ILE B 30 21.78 27.94 7.69
CA ASP B 31 24.99 29.84 6.96
CA PRO B 32 28.31 27.93 6.63
CA THR B 33 28.79 27.21 10.34
CA GLY B 34 26.24 29.84 11.32
CA SER B 35 22.76 29.01 12.53
CA TYR B 36 19.24 29.81 11.47
CA HIS B 37 19.14 33.31 9.94
CA GLY B 38 15.86 32.19 8.39
CA ASP B 39 13.97 35.08 6.86
CA SER B 40 10.98 33.36 8.44
CA ASP B 41 10.23 31.16 11.46
CA LEU B 42 8.78 28.18 9.59
CA GLN B 43 12.09 27.11 8.01
CA LEU B 44 13.00 25.79 11.46
CA GLU B 45 10.18 23.82 13.07
CA ARG B 46 11.03 20.90 10.79
CA ILE B 47 14.76 21.26 10.05
CA ASN B 48 15.65 18.27 12.21
CA VAL B 49 14.96 16.18 9.11
CA TYR B 50 18.49 17.15 7.98
CA TYR B 51 20.44 18.48 10.97
CA ASN B 52 21.45 18.00 14.62
CA GLU B 53 21.48 20.16 17.76
CA ALA B 54 24.86 20.54 19.49
CA ALA B 55 25.97 24.12 20.08
CA GLY B 56 22.96 26.36 19.49
CA ASN B 57 23.97 28.05 16.27
CA LYS B 58 25.52 24.96 14.74
CA TYR B 59 22.91 22.74 13.13
CA VAL B 60 25.15 20.32 11.25
CA PRO B 61 23.99 18.51 8.12
CA ARG B 62 23.38 14.88 8.89
CA ALA B 63 24.83 13.30 5.76
CA ILE B 64 27.67 10.95 4.97
CA LEU B 65 30.61 11.65 2.64
CA VAL B 66 31.93 8.40 1.24
CA ASP B 67 34.82 8.41 -1.24
CA LEU B 68 38.11 6.62 -1.99
CA GLU B 69 39.69 9.72 -3.56
CA PRO B 70 40.90 12.28 -1.05
CA GLY B 71 41.25 15.28 -3.39
CA THR B 72 37.48 15.25 -3.93
CA MET B 73 36.13 15.54 -0.38
CA ASP B 74 39.20 17.76 0.13
CA SER B 75 37.73 20.15 -2.45
CA VAL B 76 34.26 20.02 -0.99
CA ARG B 77 35.70 20.50 2.48
CA SER B 78 38.10 23.25 1.37
CA GLY B 79 35.58 25.48 -0.42
CA PRO B 80 32.30 27.26 0.48
CA PHE B 81 29.87 25.44 2.80
CA GLY B 82 32.55 22.77 3.05
CA GLN B 83 33.20 23.63 6.70
CA ILE B 84 29.78 22.74 8.11
CA PHE B 85 30.07 18.95 8.03
CA ARG B 86 31.43 17.52 11.28
CA PRO B 87 34.74 15.81 10.28
CA ASP B 88 33.26 12.59 11.63
CA ASN B 89 31.09 12.66 8.49
CA PHE B 90 34.06 12.30 6.13
CA VAL B 91 34.51 8.56 5.54
CA PHE B 92 37.42 8.70 3.12
CA GLY B 93 39.44 5.89 1.57
CA GLN B 94 42.86 7.27 0.66
CA SER B 95 43.32 4.03 -1.29
CA GLY B 96 43.36 4.09 -5.09
CA ALA B 97 39.78 5.11 -5.88
CA GLY B 98 40.08 3.16 -9.15
CA ASN B 99 37.23 3.60 -11.60
CA ASN B 100 36.19 0.01 -11.07
CA TRP B 101 32.80 -0.99 -9.68
CA ALA B 102 34.58 -4.03 -8.40
CA LYS B 103 37.31 -1.95 -6.82
CA GLY B 104 34.86 0.01 -4.71
CA HIS B 105 32.41 -2.77 -3.94
CA TYR B 106 34.51 -5.87 -3.25
CA THR B 107 38.11 -4.99 -2.71
CA GLU B 108 38.76 -1.43 -1.77
CA GLY B 109 35.35 -0.20 -0.67
CA ALA B 110 34.48 -3.32 1.28
CA GLU B 111 37.07 -2.28 3.84
CA LEU B 112 35.99 1.32 4.27
CA VAL B 113 32.39 0.11 4.65
CA ASP B 114 32.43 -0.86 8.33
CA SER B 115 33.93 2.54 9.16
CA VAL B 116 30.94 4.00 7.33
CA LEU B 117 28.08 1.89 8.67
CA ASP B 118 29.54 2.89 12.02
CA VAL B 119 28.60 6.48 11.39
CA VAL B 120 25.41 5.77 9.41
CA ARG B 121 24.35 4.31 12.80
CA LYS B 122 25.66 7.18 14.85
CA GLU B 123 23.46 9.42 12.71
CA SER B 124 20.45 7.10 12.57
CA GLU B 125 20.43 6.66 16.34
CA SER B 126 20.64 10.45 16.53
CA CYS B 127 17.17 11.15 17.86
CA ASP B 128 13.41 11.16 17.33
CA CYS B 129 12.22 8.87 14.53
CA LEU B 130 14.09 8.07 11.33
CA GLN B 131 12.24 8.12 8.00
CA GLY B 132 14.90 7.12 5.45
CA PHE B 133 18.21 8.04 3.80
CA GLN B 134 19.00 10.14 0.73
CA LEU B 135 21.62 8.72 -1.60
CA THR B 136 23.53 10.62 -4.27
CA HIS B 137 26.03 9.11 -6.69
CA SER B 138 26.79 8.22 -10.28
CA LEU B 139 26.42 4.77 -11.75
CA GLY B 140 29.50 5.31 -13.86
CA GLY B 141 32.48 4.86 -11.54
CA GLY B 142 33.97 3.12 -8.53
CA THR B 143 33.18 5.07 -5.38
CA GLY B 144 29.80 5.76 -6.89
CA SER B 145 28.16 2.66 -8.27
CA GLY B 146 30.19 0.07 -6.41
CA MET B 147 30.89 1.43 -2.95
CA GLY B 148 27.68 3.45 -2.75
CA THR B 149 25.65 0.54 -4.01
CA LEU B 150 27.16 -1.41 -1.15
CA LEU B 151 26.44 1.24 1.42
CA ILE B 152 22.78 0.70 0.69
CA SER B 153 22.78 -3.09 0.53
CA LYS B 154 24.01 -2.78 4.12
CA ILE B 155 21.67 0.04 5.09
CA ARG B 156 18.68 -2.04 3.81
CA GLU B 157 19.68 -4.89 6.10
CA GLU B 158 19.98 -2.63 9.09
CA TYR B 159 16.63 -0.89 8.77
CA PRO B 160 14.37 -2.61 6.20
CA ASP B 161 11.78 -0.26 7.70
CA ARG B 162 13.12 3.22 6.96
CA ILE B 163 12.93 4.23 3.29
CA MET B 164 15.69 4.67 0.70
CA ASN B 165 15.53 7.34 -1.95
CA THR B 166 18.27 7.07 -4.50
CA PHE B 167 19.46 9.88 -6.74
CA SER B 168 21.40 8.22 -9.55
CA VAL B 169 23.18 9.91 -12.42
CA VAL B 170 22.51 7.16 -14.94
CA PRO B 171 25.09 7.17 -17.80
CA SER B 172 24.05 9.82 -20.29
CA PRO B 173 23.59 8.56 -23.87
CA LYS B 174 25.18 10.67 -26.65
CA VAL B 175 28.58 10.74 -24.88
CA SER B 176 29.86 8.73 -21.94
CA ASP B 177 32.06 10.61 -19.48
CA THR B 178 33.82 7.31 -18.83
CA VAL B 179 34.56 4.13 -20.77
CA VAL B 180 33.46 1.11 -18.79
CA GLU B 181 30.41 3.13 -17.78
CA PRO B 182 27.91 0.32 -18.62
CA TYR B 183 30.01 -1.95 -16.43
CA ASN B 184 29.97 0.30 -13.38
CA ALA B 185 26.32 1.03 -14.24
CA THR B 186 24.63 -2.25 -15.00
CA LEU B 187 26.29 -3.46 -11.81
CA SER B 188 24.91 -0.69 -9.64
CA VAL B 189 21.34 -0.59 -11.06
CA HIS B 190 21.27 -4.27 -10.17
CA GLN B 191 21.90 -3.39 -6.47
CA LEU B 192 19.35 -0.57 -6.71
CA VAL B 193 16.40 -2.62 -8.11
CA GLU B 194 16.85 -4.62 -4.96
CA ASN B 195 17.45 -2.34 -2.00
CA THR B 196 16.45 1.36 -2.32
CA ASP B 197 12.70 1.85 -2.92
CA GLU B 198 12.65 5.24 -4.69
CA THR B 199 15.23 6.24 -7.29
CA TYR B 200 15.46 9.55 -9.11
CA CYS B 201 17.61 9.13 -12.27
CA ILE B 202 19.22 12.25 -13.65
CA ASP B 203 21.16 12.60 -16.94
CA ASN B 204 24.00 15.07 -17.34
CA GLU B 205 22.85 15.63 -20.94
CA ALA B 206 19.12 15.71 -20.26
CA LEU B 207 20.18 18.57 -17.99
CA TYR B 208 22.41 20.35 -20.45
CA ASP B 209 19.52 20.39 -22.89
CA ILE B 210 17.01 21.45 -20.26
CA CYS B 211 19.68 23.89 -19.08
CA PHE B 212 20.81 25.33 -22.41
CA ARG B 213 17.41 25.69 -24.07
CA THR B 214 15.05 26.06 -21.08
CA LEU B 215 17.59 28.43 -19.54
CA LYS B 216 19.23 30.25 -22.43
CA LEU B 217 22.30 29.47 -20.28
CA THR B 218 25.24 29.24 -22.72
CA THR B 219 27.97 27.98 -20.35
CA PRO B 220 26.27 25.35 -18.15
CA THR B 221 29.07 24.45 -15.79
CA TYR B 222 28.70 21.30 -13.69
CA GLY B 223 27.93 23.42 -10.66
CA ASP B 224 24.82 24.37 -12.55
CA LEU B 225 23.57 20.93 -13.54
CA ASN B 226 24.17 19.92 -9.95
CA HIS B 227 22.37 23.03 -8.82
CA LEU B 228 19.33 22.23 -10.97
CA VAL B 229 19.20 18.66 -9.68
CA SER B 230 19.58 19.71 -6.05
CA ALA B 231 16.62 21.98 -6.76
CA THR B 232 14.39 18.97 -7.38
CA MET B 233 15.57 16.86 -4.43
CA SER B 234 14.67 19.85 -2.23
CA GLY B 235 11.14 20.00 -3.60
CA VAL B 236 10.78 16.30 -2.91
CA THR B 237 11.93 15.72 0.66
CA THR B 238 12.56 18.85 2.74
CA CYS B 239 9.61 20.49 1.04
CA LEU B 240 6.98 18.00 2.14
CA ARG B 241 8.39 18.33 5.61
CA PHE B 242 6.62 21.67 5.48
CA PRO B 243 2.92 22.36 6.05
CA GLY B 244 0.39 22.15 3.23
CA GLN B 245 -3.30 21.92 2.48
CA LEU B 246 -2.47 18.42 1.32
CA ASN B 247 1.00 17.33 2.36
CA ALA B 248 2.72 14.04 1.81
CA ASP B 249 6.12 12.62 2.84
CA LEU B 250 8.58 10.10 1.41
CA ARG B 251 6.20 7.28 2.16
CA LYS B 252 3.06 8.86 0.64
CA LEU B 253 5.37 9.51 -2.30
CA ALA B 254 6.50 5.92 -2.08
CA VAL B 255 3.13 4.39 -1.25
CA ASN B 256 1.49 6.20 -4.16
CA MET B 257 4.21 5.76 -6.70
CA VAL B 258 5.33 2.20 -6.58
CA PRO B 259 2.72 -0.21 -7.88
CA PHE B 260 5.18 -3.08 -8.01
CA PRO B 261 8.08 -3.80 -5.54
CA ARG B 262 10.91 -3.56 -8.09
CA LEU B 263 11.43 -0.13 -6.52
CA HIS B 264 11.00 1.54 -9.83
CA PHE B 265 12.82 4.63 -10.87
CA PHE B 266 11.34 8.03 -11.46
CA MET B 267 12.30 11.11 -13.38
CA PRO B 268 12.20 14.44 -11.53
CA GLY B 269 11.10 17.72 -13.10
CA PHE B 270 11.07 21.21 -11.62
CA ALA B 271 8.37 23.82 -12.27
CA PRO B 272 9.38 27.40 -12.87
CA LEU B 273 12.28 26.85 -15.19
CA THR B 274 12.53 30.19 -16.93
CA SER B 275 15.68 32.09 -18.03
CA ARG B 276 16.68 34.95 -15.71
CA GLY B 277 15.81 38.49 -16.86
CA SER B 278 13.40 38.38 -19.83
CA GLN B 279 11.53 35.10 -19.53
CA GLN B 280 10.54 36.19 -15.95
CA TYR B 281 7.09 36.00 -17.42
CA ARG B 282 5.48 34.99 -14.17
CA ALA B 283 3.15 32.87 -16.27
CA LEU B 284 2.98 30.69 -13.20
CA THR B 285 -0.75 30.91 -12.43
CA VAL B 286 -0.60 27.07 -12.43
CA PRO B 287 -1.61 25.83 -15.86
CA GLU B 288 1.82 27.12 -16.62
CA LEU B 289 3.49 24.81 -14.12
CA THR B 290 1.66 21.72 -15.34
CA GLN B 291 2.36 22.94 -18.82
CA GLN B 292 6.01 22.84 -17.82
CA MET B 293 6.39 19.68 -15.69
CA PHE B 294 4.42 17.49 -18.11
CA ASP B 295 6.23 18.32 -21.34
CA ALA B 296 8.89 16.05 -22.81
CA LYS B 297 11.89 18.31 -22.43
CA ASN B 298 12.09 19.32 -18.78
CA MET B 299 12.34 15.73 -17.60
CA MET B 300 15.77 15.40 -15.99
CA ALA B 301 15.70 11.87 -17.38
CA ALA B 302 17.09 11.14 -20.83
CA CYS B 303 14.09 9.34 -22.16
CA ASP B 304 10.95 11.17 -23.18
CA PRO B 305 7.65 10.39 -21.40
CA ARG B 306 5.87 10.74 -24.70
CA HIS B 307 7.58 7.41 -25.43
CA GLY B 308 5.75 5.38 -22.79
CA ARG B 309 2.79 5.48 -20.38
CA TYR B 310 3.05 6.53 -16.78
CA LEU B 311 2.16 4.44 -13.74
CA THR B 312 2.24 7.22 -11.25
CA VAL B 313 2.95 10.90 -11.05
CA ALA B 314 3.44 13.16 -8.09
CA ALA B 315 3.19 16.86 -8.61
CA VAL B 316 4.61 18.01 -5.33
CA PHE B 317 3.69 21.72 -5.58
CA ARG B 318 4.92 24.19 -2.94
CA GLY B 319 3.40 27.67 -3.14
CA ARG B 320 -0.07 28.99 -2.22
CA MET B 321 -2.65 27.81 -4.80
CA SER B 322 -6.25 26.63 -5.15
CA MET B 323 -6.82 23.00 -4.30
CA LYS B 324 -9.29 23.49 -7.10
CA GLU B 325 -7.07 24.88 -9.84
CA VAL B 326 -4.60 22.21 -8.84
CA ASP B 327 -6.86 19.25 -8.45
CA GLU B 328 -8.59 20.39 -11.62
CA GLN B 329 -5.70 20.96 -14.02
CA MET B 330 -4.29 17.53 -13.14
CA LEU B 331 -7.47 16.11 -14.61
CA ASN B 332 -7.56 17.66 -18.07
CA VAL B 333 -3.93 16.68 -18.16
CA GLN B 334 -5.04 13.12 -17.40
CA ASN B 335 -7.58 13.29 -20.22
CA LYS B 336 -5.72 15.19 -22.94
CA ASN B 337 -3.13 12.44 -22.67
CA SER B 338 -5.26 9.42 -21.75
CA SER B 339 -3.15 7.77 -24.44
CA TYR B 340 -0.04 7.70 -22.29
CA PHE B 341 -0.93 7.49 -18.64
CA VAL B 342 -1.81 3.80 -18.24
CA GLU B 343 -5.42 2.89 -17.48
CA TRP B 344 -5.59 0.33 -14.70
CA ILE B 345 -5.04 3.25 -12.34
CA PRO B 346 -8.05 5.54 -12.38
CA ASN B 347 -6.02 8.43 -10.91
CA ASN B 348 -2.34 8.01 -11.71
CA VAL B 349 -1.55 11.45 -10.47
CA LYS B 350 -0.75 12.09 -6.82
CA THR B 351 -1.38 15.76 -6.19
CA ALA B 352 0.64 17.07 -3.29
CA VAL B 353 0.54 20.62 -1.99
CA CYS B 354 2.92 22.38 0.36
CA ASP B 355 2.50 26.04 1.26
CA ILE B 356 5.77 27.94 1.50
CA PRO B 357 7.52 27.99 -1.92
CA PRO B 358 11.19 28.01 -2.93
CA ARG B 359 12.58 30.92 -0.92
CA GLY B 360 12.70 33.51 -3.70
CA LEU B 361 9.91 32.19 -5.92
CA LYS B 362 6.12 32.61 -5.85
CA MET B 363 5.05 29.16 -7.03
CA SER B 364 6.84 25.91 -7.93
CA ALA B 365 6.05 22.19 -8.19
CA THR B 366 8.39 19.22 -8.19
CA PHE B 367 7.45 16.40 -10.53
CA ILE B 368 8.25 12.80 -9.77
CA GLY B 369 7.23 10.61 -12.64
CA ASN B 370 7.13 6.83 -12.67
CA SER B 371 6.82 6.36 -16.40
CA THR B 372 7.35 3.17 -18.34
CA ALA B 373 9.45 5.28 -20.64
CA ILE B 374 12.51 4.71 -18.51
CA GLN B 375 12.47 1.30 -20.12
CA GLU B 376 14.28 2.90 -23.04
CA LEU B 377 17.27 3.72 -20.86
CA PHE B 378 18.08 0.55 -19.02
CA LYS B 379 17.79 -0.84 -22.53
CA ARG B 380 20.52 1.54 -23.60
CA ILE B 381 22.75 0.72 -20.66
CA SER B 382 22.06 -2.99 -21.00
CA GLU B 383 22.95 -2.79 -24.69
CA GLN B 384 26.32 -1.08 -24.16
CA PHE B 385 27.12 -3.87 -21.73
CA THR B 386 26.57 -6.84 -24.01
CA ALA B 387 28.27 -5.13 -26.99
CA MET B 388 31.37 -4.94 -24.81
CA PHE B 389 30.81 -7.75 -22.43
CA ARG B 390 30.72 -10.07 -25.39
CA ARG B 391 34.42 -9.28 -25.82
CA LYS B 392 35.13 -8.94 -22.08
CA ALA B 393 36.54 -5.51 -22.94
CA PHE B 394 37.94 -3.96 -19.79
CA LEU B 395 36.97 -6.94 -17.74
CA HIS B 396 40.42 -7.79 -16.41
CA TRP B 397 40.23 -4.66 -14.22
CA TYR B 398 37.24 -6.22 -12.51
CA THR B 399 38.15 -9.88 -12.22
CA GLY B 400 41.75 -8.99 -11.39
CA GLU B 401 40.14 -7.25 -8.44
CA GLY B 402 38.45 -10.40 -7.24
CA MET B 403 35.21 -10.46 -9.21
CA ASP B 404 33.27 -13.14 -11.06
CA GLU B 405 32.40 -13.85 -14.71
CA MET B 406 28.99 -14.80 -13.36
CA GLU B 407 28.65 -11.51 -11.45
CA PHE B 408 28.41 -9.44 -14.62
CA THR B 409 26.08 -12.02 -16.08
CA GLU B 410 23.88 -11.68 -13.05
CA ALA B 411 23.51 -7.92 -13.07
CA GLU B 412 22.86 -7.51 -16.77
CA SER B 413 20.20 -10.19 -16.72
CA ASN B 414 18.60 -8.81 -13.57
CA MET B 415 18.63 -5.22 -14.75
CA ASN B 416 17.87 -6.58 -18.22
CA ASP B 417 14.75 -8.36 -16.95
CA LEU B 418 13.92 -5.12 -15.17
CA VAL B 419 13.45 -3.66 -18.66
CA SER B 420 11.13 -6.48 -19.56
CA GLU B 421 8.76 -6.08 -16.62
CA TYR B 422 8.43 -2.31 -17.08
CA GLN B 423 6.96 -3.05 -20.52
CA GLN B 424 4.35 -5.33 -18.92
CA TYR B 425 2.50 -2.12 -18.09
CA GLN B 426 3.23 -0.02 -21.17
CA ASP B 427 0.88 -2.69 -22.54
CA GLY C 16 -5.03 -26.53 -19.72
CA LYS C 17 -2.30 -27.47 -17.32
CA ASN C 18 -0.88 -30.63 -15.99
CA ILE C 19 -1.02 -28.85 -12.66
CA GLN C 20 -3.32 -30.79 -10.32
CA VAL C 21 -5.08 -29.60 -7.14
CA VAL C 22 -6.55 -32.14 -4.72
CA VAL C 23 -7.97 -32.12 -1.18
CA ARG C 24 -7.47 -34.62 1.65
CA VAL C 25 -9.69 -34.50 4.73
CA ARG C 26 -8.23 -36.19 7.81
CA PRO C 27 -10.23 -37.83 10.58
CA PHE C 28 -10.14 -36.15 13.98
CA ASN C 29 -7.68 -36.06 16.55
CA LEU C 30 -8.70 -36.32 20.21
CA ALA C 31 -8.03 -32.67 21.08
CA GLU C 32 -10.59 -31.46 18.53
CA ARG C 33 -13.24 -33.85 19.94
CA LYS C 34 -12.65 -32.69 23.52
CA ALA C 35 -12.77 -29.11 22.25
CA SER C 36 -16.00 -30.22 20.75
CA ALA C 37 -15.27 -29.36 17.34
CA HIS C 38 -17.89 -31.09 15.27
CA SER C 39 -17.10 -33.05 12.22
CA ILE C 40 -18.57 -30.41 9.95
CA VAL C 41 -16.67 -31.67 6.95
CA GLU C 42 -18.37 -34.09 4.56
CA SER C 43 -16.37 -35.79 1.79
CA ASP C 44 -18.04 -37.31 -1.27
CA PRO C 45 -15.19 -38.79 -3.10
CA VAL C 46 -17.56 -39.91 -5.86
CA ARG C 47 -18.73 -36.37 -6.36
CA LYS C 48 -15.29 -35.21 -5.58
CA GLU C 49 -17.08 -32.68 -3.46
CA VAL C 50 -16.27 -31.42 0.04
CA SER C 51 -18.97 -29.60 2.02
CA VAL C 52 -18.39 -27.63 5.23
CA ARG C 53 -20.99 -26.63 7.87
CA THR C 54 -20.04 -22.99 8.15
CA GLY C 55 -22.51 -21.92 10.64
CA GLY C 56 -22.67 -22.07 14.34
CA LEU C 57 -25.77 -23.75 15.57
CA ALA C 58 -28.71 -22.97 13.32
CA ASP C 59 -26.32 -21.81 10.71
CA LYS C 60 -24.62 -25.20 10.67
CA SER C 61 -27.22 -25.75 8.04
CA SER C 62 -25.48 -23.30 5.95
CA ARG C 63 -22.75 -25.23 4.32
CA LYS C 64 -20.36 -24.39 1.48
CA THR C 65 -19.59 -26.96 -1.21
CA TYR C 66 -16.48 -27.19 -3.40
CA THR C 67 -15.58 -29.49 -6.27
CA PHE C 68 -12.14 -30.66 -7.16
CA ASP C 69 -9.99 -32.64 -9.45
CA MET C 70 -9.59 -35.27 -6.80
CA VAL C 71 -11.13 -35.39 -3.32
CA PHE C 72 -9.99 -37.74 -0.56
CA GLY C 73 -12.19 -38.17 2.46
CA ALA C 74 -10.94 -38.93 5.89
CA SER C 75 -11.23 -42.46 4.70
CA THR C 76 -8.67 -41.64 2.09
CA LYS C 77 -5.48 -42.95 3.57
CA GLN C 78 -1.82 -42.97 2.73
CA ILE C 79 -1.56 -45.38 -0.20
CA ASP C 80 -4.43 -43.66 -1.98
CA VAL C 81 -2.83 -40.23 -1.77
CA TYR C 82 0.34 -41.77 -3.18
CA ARG C 83 -1.40 -43.52 -6.07
CA SER C 84 -3.47 -40.55 -7.18
CA VAL C 85 -0.90 -37.80 -6.67
CA VAL C 86 2.70 -39.04 -6.74
CA ALA C 87 2.62 -41.94 -9.24
CA PRO C 88 1.97 -39.85 -12.35
CA ILE C 89 4.71 -37.46 -11.23
CA LEU C 90 7.35 -40.07 -10.45
CA ASP C 91 6.83 -41.37 -14.00
CA GLU C 92 7.92 -38.00 -15.36
CA VAL C 93 10.93 -37.95 -13.04
CA ILE C 94 12.08 -41.41 -14.14
CA MET C 95 11.90 -39.86 -17.63
CA GLY C 96 14.58 -37.36 -16.84
CA TYR C 97 12.16 -34.73 -15.70
CA ASN C 98 11.88 -32.23 -12.94
CA ALA C 99 8.60 -32.18 -10.98
CA THR C 100 7.17 -30.87 -7.68
CA ILE C 101 4.45 -31.91 -5.20
CA PHE C 102 3.19 -29.62 -2.38
CA ALA C 103 1.35 -30.18 0.92
CA TYR C 104 -0.72 -27.14 1.95
CA GLY C 105 -2.99 -26.51 4.92
CA GLN C 106 -3.58 -25.56 8.55
CA THR C 107 -1.19 -26.94 11.16
CA GLY C 108 -2.41 -30.33 12.36
CA THR C 109 -4.41 -31.25 9.25
CA GLY C 110 -1.96 -33.80 7.77
CA LYS C 111 0.83 -32.17 5.73
CA THR C 112 3.70 -34.12 7.30
CA PHE C 113 1.53 -37.23 7.65
CA THR C 114 0.92 -37.06 3.92
CA MET C 115 4.45 -36.14 2.80
CA GLU C 116 6.39 -38.23 5.30
CA GLY C 117 3.77 -40.69 6.09
CA GLU C 118 4.11 -41.52 9.75
CA ARG C 119 6.50 -43.94 11.36
CA SER C 120 8.97 -42.29 9.21
CA PRO C 121 11.46 -39.77 10.51
CA ASN C 122 8.99 -37.54 12.17
CA GLU C 123 6.64 -38.42 14.90
CA GLU C 124 7.00 -42.02 14.29
CA TYR C 125 4.60 -44.39 15.92
CA CYS C 126 1.94 -46.61 14.75
CA TRP C 127 -1.52 -45.66 13.79
CA GLU C 128 -4.03 -47.11 11.38
CA GLU C 129 -4.55 -46.01 7.85
CA ASP C 130 -3.04 -47.03 4.61
CA PRO C 131 0.44 -47.89 5.40
CA LEU C 132 2.99 -45.88 7.17
CA ALA C 133 5.13 -44.60 4.46
CA GLY C 134 4.01 -41.28 3.11
CA ILE C 135 4.95 -39.70 -0.19
CA ILE C 136 8.70 -39.28 0.33
CA PRO C 137 9.19 -42.95 1.39
CA ARG C 138 7.06 -44.45 -1.41
CA THR C 139 8.62 -42.17 -4.02
CA LEU C 140 12.20 -43.31 -3.28
CA HIS C 141 11.03 -46.90 -3.24
CA GLN C 142 9.45 -46.60 -6.70
CA ILE C 143 12.39 -44.77 -8.27
CA PHE C 144 14.69 -47.65 -7.37
CA GLU C 145 12.15 -50.32 -8.32
CA LYS C 146 11.24 -48.80 -11.69
CA LEU C 147 14.75 -47.78 -12.82
CA THR C 148 16.24 -51.07 -11.66
CA ASP C 149 13.64 -53.14 -13.52
CA ASN C 150 14.31 -51.23 -16.73
CA GLY C 151 17.88 -51.70 -15.70
CA THR C 152 18.78 -48.13 -16.17
CA GLU C 153 22.25 -47.86 -14.76
CA PHE C 154 21.41 -45.27 -12.13
CA SER C 155 22.49 -43.30 -9.08
CA VAL C 156 20.27 -41.66 -6.46
CA LYS C 157 21.03 -38.63 -4.28
CA VAL C 158 18.78 -36.57 -2.01
CA SER C 159 18.89 -33.26 -0.14
CA LEU C 160 16.80 -31.64 2.58
CA LEU C 161 16.71 -27.94 3.28
CA GLU C 162 14.38 -25.82 5.40
CA ILE C 163 13.18 -22.28 4.79
CA TYR C 164 12.53 -20.35 8.01
CA ASN C 165 12.24 -16.59 8.34
CA GLU C 166 13.38 -16.57 4.69
CA GLU C 167 16.69 -18.27 5.49
CA LEU C 168 17.90 -21.60 4.05
CA PHE C 169 19.10 -24.23 6.50
CA ASP C 170 20.66 -27.53 5.42
CA LEU C 171 18.94 -30.31 7.34
CA LEU C 172 19.84 -33.20 5.27
CA ASN C 173 23.53 -33.03 5.25
CA PRO C 174 25.43 -32.79 8.48
CA SER C 175 27.52 -30.48 6.48
CA SER C 176 26.23 -27.08 6.97
CA ASP C 177 23.67 -28.89 8.98
CA VAL C 178 23.88 -25.90 11.25
CA SER C 179 22.35 -22.56 12.30
CA GLU C 180 24.52 -21.06 9.70
CA ARG C 181 22.61 -20.13 6.65
CA LEU C 182 23.42 -22.17 3.72
CA GLN C 183 23.59 -19.75 0.72
CA MET C 184 22.76 -19.64 -3.13
CA PHE C 185 22.75 -17.64 -6.47
CA ASP C 186 21.82 -17.72 -10.16
CA ASP C 187 24.33 -20.00 -11.86
CA PRO C 188 25.82 -19.43 -15.34
CA ARG C 189 23.73 -21.73 -17.57
CA ASN C 190 20.36 -21.38 -19.29
CA LYS C 191 17.93 -19.45 -17.07
CA ARG C 192 15.27 -20.86 -14.71
CA GLY C 193 17.61 -22.66 -12.34
CA VAL C 194 19.62 -21.65 -9.28
CA ILE C 195 22.49 -23.20 -7.33
CA ILE C 196 22.35 -23.86 -3.59
CA LYS C 197 25.90 -24.39 -2.34
CA GLY C 198 26.62 -25.95 1.06
CA LEU C 199 23.87 -28.52 0.58
CA GLU C 200 25.27 -31.92 -0.22
CA GLU C 201 23.41 -34.62 -1.77
CA ILE C 202 23.52 -37.68 0.34
CA THR C 203 23.93 -40.64 -2.00
CA VAL C 204 20.99 -42.67 -1.07
CA HIS C 205 20.44 -46.26 -1.69
CA ASN C 206 17.35 -46.59 0.22
CA LYS C 207 14.87 -45.50 2.88
CA ASP C 208 17.08 -46.31 5.87
CA GLU C 209 19.74 -43.87 4.72
CA VAL C 210 17.09 -41.23 4.07
CA TYR C 211 15.24 -41.86 7.32
CA GLN C 212 18.33 -41.27 9.45
CA ILE C 213 18.99 -37.97 7.67
CA LEU C 214 15.31 -36.93 7.69
CA GLU C 215 14.58 -37.38 11.40
CA LYS C 216 17.68 -35.43 12.39
CA GLY C 217 16.77 -32.75 9.87
CA ALA C 218 13.12 -32.36 10.83
CA ALA C 219 14.14 -32.45 14.47
CA LYS C 220 16.15 -29.25 14.18
CA ARG C 221 13.41 -27.40 12.15
CA THR C 222 13.12 -23.77 13.02
CA THR C 223 10.32 -22.53 14.93
CA ALA C 224 8.54 -19.36 16.03
CA ALA C 225 5.82 -18.41 18.33
CA THR C 226 2.14 -18.33 17.98
CA LEU C 227 -0.34 -17.18 20.58
CA MET C 228 -1.44 -20.80 20.79
CA ASN C 229 1.75 -22.68 21.52
CA ALA C 230 5.50 -22.88 20.78
CA TYR C 231 4.15 -23.87 18.25
CA SER C 232 5.02 -23.33 14.96
CA SER C 233 7.28 -24.78 12.30
CA ARG C 234 7.81 -21.89 10.02
CA SER C 235 9.67 -23.13 7.20
CA HIS C 236 8.83 -24.88 3.93
CA SER C 237 10.66 -28.22 4.07
CA VAL C 238 12.16 -29.05 0.66
CA PHE C 239 13.10 -32.69 0.13
CA SER C 240 14.55 -33.24 -3.33
CA VAL C 241 15.62 -36.47 -5.03
CA THR C 242 17.77 -36.41 -8.19
CA ILE C 243 18.17 -39.42 -10.50
CA HIS C 244 20.99 -40.01 -12.99
CA MET C 245 19.98 -42.68 -15.50
CA LYS C 246 21.65 -44.38 -18.46
CA GLU C 247 19.83 -47.24 -20.17
CA THR C 248 21.07 -49.35 -23.06
CA THR C 249 19.37 -51.65 -25.54
CA ILE C 250 21.09 -53.65 -28.27
CA ASP C 251 20.06 -52.15 -31.62
CA GLY C 252 18.37 -49.23 -29.86
CA GLU C 253 20.98 -46.59 -28.88
CA GLU C 254 21.98 -45.49 -25.37
CA LEU C 255 20.12 -42.78 -23.48
CA VAL C 256 21.40 -40.54 -20.69
CA LYS C 257 18.71 -39.04 -18.43
CA ILE C 258 18.51 -36.98 -15.25
CA GLY C 259 15.30 -36.68 -13.24
CA LYS C 260 14.26 -34.67 -10.21
CA LEU C 261 11.29 -34.61 -7.82
CA ASN C 262 10.72 -31.93 -5.19
CA LEU C 263 8.44 -32.88 -2.29
CA VAL C 264 7.41 -29.77 -0.37
CA ASP C 265 5.93 -30.00 3.15
CA LEU C 266 4.84 -26.43 3.65
CA ALA C 267 4.40 -25.25 7.14
CA GLY C 268 1.08 -24.70 8.66
CA SER C 269 -0.43 -21.34 7.95
CA GLU C 270 -0.80 -18.55 10.46
CA ASN C 271 -3.16 -15.65 10.24
CA ILE C 272 -2.30 -13.01 12.72
CA GLY C 273 -5.87 -12.83 13.93
CA ARG C 274 -5.32 -16.37 15.17
CA SER C 275 -1.56 -16.28 15.85
CA GLY C 276 -2.10 -13.15 17.87
CA ALA C 277 0.58 -11.87 15.64
CA VAL C 278 1.75 -8.45 16.41
CA ASP C 279 5.00 -6.95 15.10
CA LYS C 280 7.53 -9.73 14.47
CA ARG C 281 4.78 -12.37 14.11
CA ALA C 282 2.76 -9.94 11.98
CA ARG C 283 5.79 -9.21 9.80
CA GLU C 284 6.11 -12.95 9.19
CA ALA C 285 2.40 -13.26 8.41
CA GLY C 286 2.71 -10.40 5.93
CA ASN C 287 5.48 -12.19 4.05
CA ILE C 288 3.74 -15.53 4.39
CA ASN C 289 0.43 -14.21 3.00
CA GLN C 290 2.15 -12.30 0.22
CA SER C 291 4.22 -15.30 -0.84
CA LEU C 292 1.15 -17.57 -0.84
CA LEU C 293 -0.76 -14.94 -2.77
CA THR C 294 2.05 -14.91 -5.35
CA LEU C 295 1.68 -18.71 -5.44
CA GLY C 296 -2.04 -18.30 -6.13
CA ARG C 297 -1.33 -15.87 -8.97
CA VAL C 298 1.21 -18.28 -10.49
CA ILE C 299 -1.39 -21.07 -10.35
CA THR C 300 -4.08 -18.85 -11.85
CA ALA C 301 -1.71 -17.59 -14.53
CA LEU C 302 -0.92 -21.15 -15.60
CA VAL C 303 -4.56 -22.28 -15.70
CA GLU C 304 -5.45 -19.11 -17.61
CA ARG C 305 -2.37 -19.69 -19.68
CA THR C 306 -1.40 -16.10 -19.28
CA PRO C 307 2.03 -16.68 -20.15
CA HIS C 308 4.10 -15.57 -17.18
CA VAL C 309 3.93 -13.52 -14.08
CA PRO C 310 6.46 -11.45 -12.38
CA TYR C 311 8.47 -14.33 -10.99
CA ARG C 312 11.15 -13.47 -8.96
CA GLU C 313 10.51 -12.49 -5.54
CA SER C 314 10.11 -15.26 -3.02
CA LYS C 315 12.88 -17.62 -1.88
CA LEU C 316 10.56 -20.63 -2.11
CA THR C 317 9.53 -20.07 -5.73
CA ARG C 318 13.06 -19.09 -6.76
CA ILE C 319 14.49 -22.40 -5.56
CA LEU C 320 11.77 -24.43 -7.30
CA GLN C 321 11.81 -22.27 -10.43
CA ASP C 322 13.71 -24.89 -12.45
CA SER C 323 10.92 -27.25 -11.50
CA LEU C 324 7.81 -25.20 -12.25
CA GLY C 325 9.03 -23.61 -15.48
CA GLY C 326 10.43 -26.19 -17.89
CA ARG C 327 7.16 -28.02 -18.43
CA THR C 328 6.38 -30.80 -16.01
CA ARG C 329 3.60 -32.05 -13.78
CA THR C 330 2.95 -30.19 -10.55
CA SER C 331 0.44 -31.10 -7.85
CA ILE C 332 -0.88 -29.53 -4.67
CA ILE C 333 -2.45 -31.58 -1.88
CA ALA C 334 -4.58 -29.36 0.38
CA THR C 335 -5.25 -30.87 3.80
CA ILE C 336 -8.23 -29.97 6.00
CA SER C 337 -9.80 -30.80 9.34
CA PRO C 338 -13.33 -31.64 9.72
CA ALA C 339 -13.64 -29.53 12.68
CA SER C 340 -16.24 -26.96 12.81
CA LEU C 341 -13.60 -25.54 15.00
CA ASN C 342 -11.41 -25.79 11.97
CA LEU C 343 -14.16 -24.26 9.87
CA GLU C 344 -12.05 -21.22 8.98
CA GLU C 345 -8.97 -23.04 7.66
CA THR C 346 -11.05 -25.63 5.83
CA LEU C 347 -12.90 -22.88 3.97
CA SER C 348 -9.59 -21.15 3.24
CA THR C 349 -8.15 -24.37 1.80
CA LEU C 350 -11.22 -24.98 -0.38
CA GLU C 351 -11.09 -21.36 -1.63
CA TYR C 352 -7.39 -21.62 -2.49
CA ALA C 353 -8.08 -24.86 -4.41
CA HIS C 354 -11.05 -23.28 -6.20
CA ARG C 355 -8.89 -20.35 -7.29
CA ALA C 356 -6.22 -22.70 -8.70
CA LYS C 357 -8.69 -24.24 -11.13
CA ASN C 358 -12.29 -23.36 -11.26
CA ILE C 359 -14.10 -26.50 -10.34
CA LEU C 360 -17.64 -25.47 -9.89
CA ASN C 361 -19.89 -27.26 -7.53
CA LYS C 362 -20.84 -30.20 -9.50
CA PRO C 363 -24.35 -30.53 -9.80
CA GLU C 364 -26.20 -31.96 -6.95
CA VAL C 365 -23.53 -30.00 -5.16
#